data_4BI4
#
_entry.id   4BI4
#
_cell.length_a   56.790
_cell.length_b   64.590
_cell.length_c   97.870
_cell.angle_alpha   90.00
_cell.angle_beta   90.00
_cell.angle_gamma   90.00
#
_symmetry.space_group_name_H-M   'P 21 21 21'
#
loop_
_entity.id
_entity.type
_entity.pdbx_description
1 polymer 'SSP1 C50A MUTANT'
2 non-polymer GLYCEROL
3 water water
#
_entity_poly.entity_id   1
_entity_poly.type   'polypeptide(L)'
_entity_poly.pdbx_seq_one_letter_code
;MKPLYRQLKSSHYSSDYSSPGYLAAEAVYAEIGYELDTLLKQNPGYANTAAVRMSLALLKTGISFKGRLPIKKGAYKGKT
IEPGAKLLADQLHRSSSFGKAKIFFNAPDAEKGIGNKKGVVFFNKITNYDGGHIDLIEPENSLLTCHSHCYFNCKEVWFW
ELS
;
_entity_poly.pdbx_strand_id   A,B
#
loop_
_chem_comp.id
_chem_comp.type
_chem_comp.name
_chem_comp.formula
GOL non-polymer GLYCEROL 'C3 H8 O3'
#
# COMPACT_ATOMS: atom_id res chain seq x y z
N MET A 1 -27.96 12.80 10.29
CA MET A 1 -26.76 13.16 11.09
C MET A 1 -25.47 12.59 10.49
N LYS A 2 -24.34 13.06 11.01
CA LYS A 2 -23.02 12.56 10.64
C LYS A 2 -22.32 12.18 11.95
N PRO A 3 -21.78 10.95 12.04
CA PRO A 3 -21.36 10.53 13.37
C PRO A 3 -20.07 11.21 13.80
N LEU A 4 -19.86 11.23 15.11
CA LEU A 4 -18.64 11.73 15.69
C LEU A 4 -17.60 10.62 15.64
N TYR A 5 -16.35 11.01 15.40
CA TYR A 5 -15.29 10.04 15.21
C TYR A 5 -15.18 9.13 16.42
N ARG A 6 -15.09 9.73 17.59
CA ARG A 6 -14.95 8.98 18.83
C ARG A 6 -16.02 7.88 19.00
N GLN A 7 -17.26 8.23 18.68
CA GLN A 7 -18.38 7.32 18.90
C GLN A 7 -18.46 6.25 17.82
N LEU A 8 -18.17 6.62 16.57
CA LEU A 8 -18.05 5.64 15.47
C LEU A 8 -16.96 4.62 15.81
N LYS A 9 -15.81 5.11 16.27
CA LYS A 9 -14.72 4.24 16.73
C LYS A 9 -15.14 3.28 17.86
N SER A 10 -15.80 3.82 18.89
CA SER A 10 -16.29 3.03 20.04
C SER A 10 -17.23 1.92 19.60
N SER A 11 -17.99 2.20 18.56
CA SER A 11 -18.99 1.28 17.99
C SER A 11 -18.44 0.39 16.85
N HIS A 12 -17.13 0.45 16.63
CA HIS A 12 -16.51 -0.27 15.52
C HIS A 12 -15.63 -1.41 16.01
N TYR A 13 -15.94 -2.61 15.54
CA TYR A 13 -15.16 -3.79 15.90
C TYR A 13 -13.92 -3.88 15.02
N SER A 14 -12.76 -3.78 15.65
CA SER A 14 -11.49 -3.86 14.95
C SER A 14 -11.20 -5.31 14.63
N SER A 15 -10.61 -5.54 13.46
CA SER A 15 -10.12 -6.88 13.16
C SER A 15 -8.67 -7.08 13.61
N ASP A 16 -8.05 -6.04 14.18
CA ASP A 16 -6.69 -6.15 14.72
C ASP A 16 -6.70 -6.73 16.14
N TYR A 17 -6.09 -7.92 16.29
CA TYR A 17 -6.05 -8.65 17.58
C TYR A 17 -5.56 -7.83 18.77
N SER A 18 -4.64 -6.91 18.52
CA SER A 18 -4.07 -6.10 19.59
C SER A 18 -4.88 -4.83 19.87
N SER A 19 -5.91 -4.55 19.07
CA SER A 19 -6.80 -3.42 19.37
C SER A 19 -7.66 -3.64 20.62
N PRO A 20 -7.84 -2.58 21.44
CA PRO A 20 -8.81 -2.62 22.54
C PRO A 20 -10.22 -2.97 22.03
N GLY A 21 -10.49 -2.69 20.76
CA GLY A 21 -11.83 -2.86 20.17
C GLY A 21 -11.95 -4.07 19.25
N TYR A 22 -10.94 -4.95 19.31
CA TYR A 22 -10.95 -6.22 18.58
C TYR A 22 -12.23 -7.01 18.76
N LEU A 23 -12.72 -7.58 17.65
CA LEU A 23 -13.73 -8.64 17.70
C LEU A 23 -13.54 -9.59 16.52
N ALA A 24 -13.53 -10.89 16.81
CA ALA A 24 -13.25 -11.90 15.84
C ALA A 24 -14.35 -11.88 14.81
N ALA A 25 -14.02 -12.22 13.56
CA ALA A 25 -14.98 -12.26 12.45
C ALA A 25 -16.21 -13.10 12.77
N GLU A 26 -16.02 -14.25 13.41
CA GLU A 26 -17.18 -15.10 13.70
C GLU A 26 -18.15 -14.48 14.73
N ALA A 27 -17.63 -13.74 15.71
CA ALA A 27 -18.47 -13.06 16.70
C ALA A 27 -19.25 -11.90 16.08
N VAL A 28 -18.60 -11.17 15.17
CA VAL A 28 -19.27 -10.11 14.42
C VAL A 28 -20.51 -10.66 13.70
N TYR A 29 -20.34 -11.69 12.88
CA TYR A 29 -21.50 -12.27 12.20
C TYR A 29 -22.52 -12.89 13.15
N ALA A 30 -22.05 -13.65 14.15
CA ALA A 30 -22.95 -14.19 15.19
C ALA A 30 -23.84 -13.09 15.75
N GLU A 31 -23.26 -11.93 16.06
CA GLU A 31 -24.03 -10.80 16.58
C GLU A 31 -25.23 -10.44 15.72
N ILE A 32 -25.10 -10.53 14.40
CA ILE A 32 -26.18 -10.14 13.52
C ILE A 32 -26.98 -11.36 13.02
N GLY A 33 -26.66 -12.52 13.60
CA GLY A 33 -27.41 -13.75 13.37
C GLY A 33 -26.94 -14.65 12.23
N TYR A 34 -25.65 -14.61 11.91
CA TYR A 34 -25.09 -15.51 10.89
C TYR A 34 -23.92 -16.32 11.41
N GLU A 35 -23.74 -17.50 10.82
CA GLU A 35 -22.55 -18.30 11.03
C GLU A 35 -21.60 -18.01 9.88
N LEU A 36 -20.41 -17.56 10.24
CA LEU A 36 -19.42 -17.16 9.25
C LEU A 36 -19.19 -18.26 8.22
N ASP A 37 -19.01 -19.49 8.68
CA ASP A 37 -18.72 -20.61 7.78
C ASP A 37 -19.81 -20.86 6.76
N THR A 38 -21.07 -20.63 7.13
CA THR A 38 -22.15 -20.77 6.17
C THR A 38 -22.01 -19.70 5.08
N LEU A 39 -21.75 -18.46 5.49
CA LEU A 39 -21.59 -17.36 4.55
C LEU A 39 -20.42 -17.56 3.61
N LEU A 40 -19.26 -17.99 4.12
CA LEU A 40 -18.08 -18.20 3.27
C LEU A 40 -18.38 -19.22 2.19
N LYS A 41 -19.15 -20.23 2.55
CA LYS A 41 -19.55 -21.27 1.61
C LYS A 41 -20.42 -20.66 0.51
N GLN A 42 -21.36 -19.80 0.89
CA GLN A 42 -22.22 -19.13 -0.07
C GLN A 42 -21.45 -18.15 -0.96
N ASN A 43 -20.55 -17.39 -0.35
CA ASN A 43 -19.72 -16.43 -1.08
C ASN A 43 -18.44 -16.15 -0.29
N PRO A 44 -17.29 -16.70 -0.75
CA PRO A 44 -16.01 -16.53 -0.06
C PRO A 44 -15.66 -15.07 0.21
N GLY A 45 -16.23 -14.15 -0.56
CA GLY A 45 -16.07 -12.71 -0.33
C GLY A 45 -16.36 -12.25 1.09
N TYR A 46 -17.22 -12.99 1.80
CA TYR A 46 -17.52 -12.65 3.19
C TYR A 46 -16.32 -12.70 4.11
N ALA A 47 -15.21 -13.31 3.65
CA ALA A 47 -13.99 -13.35 4.45
C ALA A 47 -13.41 -11.94 4.65
N ASN A 48 -13.69 -11.06 3.70
CA ASN A 48 -13.35 -9.65 3.84
C ASN A 48 -14.45 -8.99 4.65
N THR A 49 -14.12 -8.64 5.89
CA THR A 49 -15.12 -8.24 6.88
C THR A 49 -15.15 -6.75 7.14
N ALA A 50 -14.32 -5.98 6.43
CA ALA A 50 -14.19 -4.56 6.73
C ALA A 50 -15.50 -3.81 6.58
N ALA A 51 -16.17 -4.01 5.45
CA ALA A 51 -17.41 -3.32 5.18
C ALA A 51 -18.54 -3.72 6.13
N VAL A 52 -18.56 -4.97 6.57
CA VAL A 52 -19.57 -5.40 7.55
C VAL A 52 -19.34 -4.70 8.90
N ARG A 53 -18.10 -4.72 9.37
CA ARG A 53 -17.67 -3.97 10.56
C ARG A 53 -18.03 -2.49 10.48
N MET A 54 -17.76 -1.84 9.34
CA MET A 54 -18.07 -0.41 9.17
C MET A 54 -19.57 -0.15 9.09
N SER A 55 -20.29 -0.96 8.31
CA SER A 55 -21.75 -0.95 8.26
C SER A 55 -22.44 -0.96 9.61
N LEU A 56 -22.02 -1.91 10.45
CA LEU A 56 -22.58 -2.07 11.78
C LEU A 56 -22.26 -0.87 12.67
N ALA A 57 -21.02 -0.36 12.57
CA ALA A 57 -20.63 0.82 13.33
C ALA A 57 -21.46 2.02 12.91
N LEU A 58 -21.59 2.23 11.60
CA LEU A 58 -22.47 3.29 11.10
C LEU A 58 -23.91 3.15 11.61
N LEU A 59 -24.44 1.94 11.58
CA LEU A 59 -25.80 1.72 12.08
C LEU A 59 -25.92 2.16 13.53
N LYS A 60 -24.95 1.79 14.35
CA LYS A 60 -25.00 2.05 15.79
C LYS A 60 -24.85 3.54 16.12
N THR A 61 -24.32 4.31 15.18
CA THR A 61 -24.28 5.75 15.36
C THR A 61 -25.41 6.43 14.58
N GLY A 62 -26.29 5.64 13.98
CA GLY A 62 -27.54 6.16 13.41
C GLY A 62 -27.60 6.46 11.91
N ILE A 63 -26.56 6.03 11.18
CA ILE A 63 -26.50 6.16 9.72
C ILE A 63 -26.99 4.89 9.05
N SER A 64 -28.11 5.00 8.36
CA SER A 64 -28.68 3.88 7.64
C SER A 64 -28.49 4.06 6.15
N PHE A 65 -28.19 2.96 5.47
CA PHE A 65 -28.01 2.96 4.05
C PHE A 65 -28.65 1.72 3.56
N LYS A 66 -28.82 1.61 2.26
CA LYS A 66 -29.24 0.35 1.72
C LYS A 66 -28.03 -0.60 1.69
N GLY A 67 -28.29 -1.87 1.91
CA GLY A 67 -27.24 -2.89 1.94
C GLY A 67 -27.82 -4.13 1.33
N ARG A 68 -27.17 -5.26 1.47
CA ARG A 68 -27.71 -6.47 0.87
C ARG A 68 -27.77 -7.66 1.83
N LEU A 69 -27.36 -7.45 3.08
CA LEU A 69 -27.46 -8.49 4.11
C LEU A 69 -28.32 -8.04 5.30
N PRO A 70 -29.56 -8.59 5.42
CA PRO A 70 -30.43 -8.30 6.58
C PRO A 70 -29.89 -8.85 7.90
N ILE A 71 -29.87 -7.99 8.92
CA ILE A 71 -29.54 -8.40 10.28
C ILE A 71 -30.71 -9.20 10.80
N LYS A 72 -30.42 -10.34 11.41
CA LYS A 72 -31.47 -11.28 11.75
C LYS A 72 -31.61 -11.44 13.25
N LYS A 73 -30.76 -10.75 13.99
CA LYS A 73 -30.74 -10.90 15.41
C LYS A 73 -30.32 -9.60 16.07
N GLY A 74 -30.85 -9.36 17.26
CA GLY A 74 -30.45 -8.21 18.08
C GLY A 74 -31.21 -6.93 17.80
N ALA A 75 -30.72 -5.86 18.39
CA ALA A 75 -31.37 -4.57 18.33
C ALA A 75 -31.52 -4.07 16.90
N TYR A 76 -30.61 -4.45 16.02
CA TYR A 76 -30.66 -3.94 14.67
C TYR A 76 -31.35 -4.88 13.66
N LYS A 77 -31.98 -5.92 14.18
CA LYS A 77 -32.78 -6.83 13.38
C LYS A 77 -33.69 -6.06 12.42
N GLY A 78 -33.69 -6.48 11.16
CA GLY A 78 -34.48 -5.80 10.15
C GLY A 78 -33.71 -4.75 9.37
N LYS A 79 -32.59 -4.27 9.92
CA LYS A 79 -31.78 -3.34 9.15
C LYS A 79 -30.81 -4.08 8.24
N THR A 80 -30.13 -3.39 7.34
CA THR A 80 -29.25 -4.07 6.39
C THR A 80 -27.80 -3.65 6.50
N ILE A 81 -26.94 -4.61 6.21
CA ILE A 81 -25.48 -4.47 6.23
C ILE A 81 -24.98 -4.48 4.78
N GLU A 82 -24.02 -3.61 4.47
CA GLU A 82 -23.35 -3.67 3.17
C GLU A 82 -21.98 -4.35 3.34
N PRO A 83 -21.84 -5.59 2.82
CA PRO A 83 -20.57 -6.31 2.99
C PRO A 83 -19.47 -5.96 1.99
N GLY A 84 -19.81 -5.21 0.94
CA GLY A 84 -18.83 -4.82 -0.08
C GLY A 84 -18.28 -3.43 0.23
N ALA A 85 -16.96 -3.35 0.35
CA ALA A 85 -16.27 -2.10 0.66
C ALA A 85 -16.58 -1.00 -0.36
N LYS A 86 -16.41 -1.31 -1.64
CA LYS A 86 -16.66 -0.35 -2.73
C LYS A 86 -18.09 0.16 -2.68
N LEU A 87 -19.04 -0.77 -2.53
CA LEU A 87 -20.45 -0.42 -2.45
C LEU A 87 -20.79 0.43 -1.21
N LEU A 88 -20.12 0.14 -0.08
CA LEU A 88 -20.29 0.99 1.09
C LEU A 88 -19.72 2.38 0.84
N ALA A 89 -18.52 2.44 0.27
CA ALA A 89 -17.88 3.70 -0.03
C ALA A 89 -18.75 4.57 -0.95
N ASP A 90 -19.39 3.93 -1.93
CA ASP A 90 -20.29 4.60 -2.87
C ASP A 90 -21.50 5.21 -2.16
N GLN A 91 -22.05 4.47 -1.19
CA GLN A 91 -23.14 4.97 -0.33
C GLN A 91 -22.75 6.25 0.41
N LEU A 92 -21.58 6.22 1.04
CA LEU A 92 -21.08 7.34 1.84
C LEU A 92 -20.87 8.55 0.94
N HIS A 93 -20.34 8.26 -0.26
CA HIS A 93 -19.98 9.24 -1.27
C HIS A 93 -21.16 10.05 -1.75
N ARG A 94 -22.33 9.42 -1.81
CA ARG A 94 -23.54 10.11 -2.25
C ARG A 94 -24.46 10.56 -1.12
N SER A 95 -24.25 10.02 0.07
CA SER A 95 -24.98 10.42 1.27
C SER A 95 -24.85 11.91 1.53
N SER A 96 -25.85 12.49 2.18
CA SER A 96 -25.70 13.87 2.71
C SER A 96 -25.05 13.81 4.09
N SER A 97 -25.11 12.63 4.71
CA SER A 97 -24.41 12.37 5.95
C SER A 97 -22.90 12.66 5.84
N PHE A 98 -22.28 12.24 4.75
CA PHE A 98 -20.84 12.43 4.58
C PHE A 98 -20.48 13.37 3.43
N GLY A 99 -21.18 13.23 2.31
CA GLY A 99 -20.82 13.96 1.09
C GLY A 99 -19.72 13.24 0.33
N LYS A 100 -19.16 13.93 -0.65
CA LYS A 100 -18.13 13.37 -1.52
C LYS A 100 -16.83 13.18 -0.76
N ALA A 101 -16.18 12.05 -1.00
CA ALA A 101 -14.85 11.80 -0.49
C ALA A 101 -13.84 12.72 -1.15
N LYS A 102 -12.72 12.94 -0.47
CA LYS A 102 -11.50 13.38 -1.13
C LYS A 102 -10.78 12.14 -1.66
N ILE A 103 -10.38 12.17 -2.93
CA ILE A 103 -9.81 11.00 -3.55
C ILE A 103 -8.37 11.25 -3.96
N PHE A 104 -7.49 10.40 -3.44
CA PHE A 104 -6.07 10.54 -3.67
C PHE A 104 -5.59 9.34 -4.47
N PHE A 105 -4.59 9.57 -5.30
CA PHE A 105 -4.13 8.56 -6.26
C PHE A 105 -2.69 8.08 -6.00
N ASN A 106 -2.04 8.64 -5.00
CA ASN A 106 -0.70 8.19 -4.59
C ASN A 106 -0.51 8.47 -3.11
N ALA A 107 0.43 7.76 -2.49
CA ALA A 107 0.66 7.81 -1.03
C ALA A 107 1.05 9.18 -0.46
N PRO A 108 1.93 9.94 -1.17
CA PRO A 108 2.22 11.30 -0.71
C PRO A 108 0.98 12.19 -0.63
N ASP A 109 0.16 12.22 -1.69
CA ASP A 109 -1.08 12.98 -1.69
C ASP A 109 -2.04 12.49 -0.61
N ALA A 110 -2.17 11.17 -0.48
CA ALA A 110 -3.11 10.60 0.49
C ALA A 110 -2.75 11.08 1.89
N GLU A 111 -1.47 10.94 2.24
CA GLU A 111 -0.98 11.32 3.55
C GLU A 111 -1.06 12.81 3.85
N LYS A 112 -0.69 13.65 2.88
CA LYS A 112 -0.79 15.10 3.04
C LYS A 112 -2.25 15.57 3.11
N GLY A 113 -3.11 14.97 2.30
CA GLY A 113 -4.54 15.28 2.28
C GLY A 113 -5.26 14.87 3.56
N ILE A 114 -4.92 13.71 4.09
CA ILE A 114 -5.45 13.30 5.39
C ILE A 114 -4.84 14.19 6.50
N GLY A 115 -3.52 14.39 6.45
CA GLY A 115 -2.80 15.31 7.33
C GLY A 115 -2.90 14.94 8.80
N ASN A 116 -3.51 15.81 9.60
N ASN A 116 -3.51 15.82 9.59
CA ASN A 116 -3.72 15.49 11.01
CA ASN A 116 -3.74 15.54 11.00
C ASN A 116 -5.20 15.25 11.33
C ASN A 116 -5.24 15.46 11.31
N LYS A 117 -6.01 15.13 10.28
CA LYS A 117 -7.44 14.89 10.43
C LYS A 117 -7.70 13.43 10.82
N LYS A 118 -8.95 13.13 11.14
CA LYS A 118 -9.38 11.77 11.41
C LYS A 118 -10.71 11.53 10.68
N GLY A 119 -10.99 10.29 10.33
CA GLY A 119 -12.24 10.00 9.63
C GLY A 119 -12.32 8.59 9.11
N VAL A 120 -13.12 8.43 8.06
CA VAL A 120 -13.36 7.16 7.39
C VAL A 120 -12.45 7.10 6.16
N VAL A 121 -11.71 6.01 6.02
CA VAL A 121 -10.83 5.83 4.87
C VAL A 121 -11.23 4.57 4.09
N PHE A 122 -11.20 4.68 2.77
CA PHE A 122 -11.42 3.51 1.90
C PHE A 122 -10.21 3.34 0.98
N PHE A 123 -9.58 2.17 1.09
CA PHE A 123 -8.44 1.77 0.26
C PHE A 123 -8.98 0.91 -0.90
N ASN A 124 -8.88 1.47 -2.10
CA ASN A 124 -9.48 0.86 -3.29
C ASN A 124 -8.42 0.25 -4.21
N LYS A 125 -8.66 -0.98 -4.67
CA LYS A 125 -7.74 -1.74 -5.54
C LYS A 125 -6.37 -1.90 -4.90
N ILE A 126 -6.39 -2.58 -3.74
CA ILE A 126 -5.21 -2.75 -2.90
C ILE A 126 -4.30 -3.81 -3.51
N THR A 127 -3.00 -3.50 -3.59
CA THR A 127 -2.01 -4.45 -4.10
C THR A 127 -2.04 -5.78 -3.31
N ASN A 128 -2.15 -6.91 -4.02
CA ASN A 128 -2.11 -8.25 -3.40
C ASN A 128 -3.14 -8.42 -2.27
N TYR A 129 -4.36 -7.90 -2.46
CA TYR A 129 -5.45 -7.98 -1.44
C TYR A 129 -6.80 -7.84 -2.14
N ASP A 130 -7.70 -8.77 -1.86
CA ASP A 130 -8.98 -8.81 -2.58
C ASP A 130 -10.12 -8.15 -1.81
N GLY A 131 -10.80 -7.23 -2.48
CA GLY A 131 -12.08 -6.69 -2.00
C GLY A 131 -12.02 -5.28 -1.40
N GLY A 132 -10.82 -4.72 -1.30
CA GLY A 132 -10.65 -3.37 -0.76
C GLY A 132 -10.79 -3.38 0.75
N HIS A 133 -10.66 -2.19 1.35
CA HIS A 133 -10.71 -2.08 2.80
C HIS A 133 -11.22 -0.71 3.16
N ILE A 134 -12.25 -0.71 4.01
CA ILE A 134 -12.84 0.49 4.57
C ILE A 134 -12.66 0.46 6.11
N ASP A 135 -12.25 1.58 6.68
CA ASP A 135 -11.76 1.60 8.06
C ASP A 135 -11.82 3.00 8.62
N LEU A 136 -11.47 3.11 9.90
CA LEU A 136 -11.29 4.40 10.54
C LEU A 136 -9.79 4.72 10.60
N ILE A 137 -9.46 5.98 10.32
CA ILE A 137 -8.06 6.46 10.36
C ILE A 137 -7.92 7.71 11.24
N GLU A 138 -6.78 7.80 11.94
CA GLU A 138 -6.43 8.97 12.76
C GLU A 138 -4.92 9.10 12.92
N PRO A 139 -4.45 10.30 13.36
CA PRO A 139 -3.03 10.48 13.63
C PRO A 139 -2.61 9.77 14.90
N GLU A 140 -1.37 9.30 14.94
CA GLU A 140 -0.78 8.75 16.12
C GLU A 140 0.70 8.99 15.94
N ASN A 141 1.26 9.91 16.74
CA ASN A 141 2.68 10.27 16.70
C ASN A 141 3.19 10.73 15.33
N SER A 142 2.45 11.64 14.70
CA SER A 142 2.82 12.14 13.36
C SER A 142 2.73 11.07 12.25
N LEU A 143 2.35 9.84 12.61
CA LEU A 143 1.97 8.84 11.60
C LEU A 143 0.44 8.69 11.57
N LEU A 144 -0.06 7.91 10.63
CA LEU A 144 -1.49 7.66 10.55
C LEU A 144 -1.72 6.23 10.98
N THR A 145 -2.78 6.00 11.73
CA THR A 145 -3.09 4.64 12.13
C THR A 145 -4.53 4.34 11.81
N CYS A 146 -4.77 3.10 11.38
CA CYS A 146 -6.12 2.62 11.11
C CYS A 146 -6.57 1.72 12.25
N HIS A 147 -7.88 1.70 12.49
CA HIS A 147 -8.40 0.93 13.61
C HIS A 147 -8.20 -0.55 13.42
N SER A 148 -8.31 -1.02 12.18
CA SER A 148 -7.95 -2.39 11.86
C SER A 148 -6.59 -2.50 11.19
N HIS A 149 -6.44 -1.82 10.04
CA HIS A 149 -5.24 -1.92 9.22
C HIS A 149 -5.27 -0.92 8.09
N CYS A 150 -4.12 -0.34 7.78
CA CYS A 150 -4.02 0.57 6.63
C CYS A 150 -3.43 -0.14 5.42
N TYR A 151 -3.90 0.23 4.22
CA TYR A 151 -3.42 -0.37 2.97
C TYR A 151 -3.06 0.71 1.95
N PHE A 152 -1.99 1.44 2.23
CA PHE A 152 -1.59 2.53 1.35
C PHE A 152 -0.94 2.09 0.02
N ASN A 153 -0.63 0.80 -0.11
CA ASN A 153 -0.26 0.23 -1.40
C ASN A 153 -1.54 -0.17 -2.15
N CYS A 154 -2.08 0.78 -2.89
CA CYS A 154 -3.38 0.67 -3.53
C CYS A 154 -3.47 1.73 -4.62
N LYS A 155 -4.51 1.63 -5.44
CA LYS A 155 -4.73 2.60 -6.52
C LYS A 155 -5.40 3.92 -6.05
N GLU A 156 -6.37 3.84 -5.14
CA GLU A 156 -7.02 5.06 -4.65
C GLU A 156 -7.29 5.04 -3.13
N VAL A 157 -7.12 6.20 -2.51
CA VAL A 157 -7.48 6.40 -1.11
C VAL A 157 -8.60 7.43 -1.04
N TRP A 158 -9.79 7.00 -0.61
CA TRP A 158 -10.93 7.88 -0.35
C TRP A 158 -10.97 8.20 1.13
N PHE A 159 -11.26 9.45 1.45
CA PHE A 159 -11.29 9.93 2.84
C PHE A 159 -12.47 10.88 3.12
N TRP A 160 -13.18 10.64 4.22
CA TRP A 160 -14.22 11.55 4.74
C TRP A 160 -13.86 12.00 6.13
N GLU A 161 -13.68 13.29 6.32
CA GLU A 161 -13.27 13.81 7.62
C GLU A 161 -14.42 13.75 8.62
N LEU A 162 -14.10 13.37 9.86
CA LEU A 162 -15.09 13.40 10.94
C LEU A 162 -14.57 14.26 12.09
N SER A 163 -15.47 14.88 12.84
CA SER A 163 -15.08 15.70 14.00
C SER A 163 -15.03 14.88 15.29
N MET B 1 13.46 17.35 -1.66
CA MET B 1 14.35 16.38 -2.37
C MET B 1 13.90 14.94 -2.15
N LYS B 2 14.63 14.22 -1.31
CA LYS B 2 14.38 12.82 -0.96
C LYS B 2 12.91 12.54 -0.65
N PRO B 3 12.39 11.37 -1.11
CA PRO B 3 11.06 10.96 -0.70
C PRO B 3 11.11 10.33 0.69
N LEU B 4 9.97 10.25 1.35
CA LEU B 4 9.91 9.58 2.64
C LEU B 4 9.94 8.07 2.43
N TYR B 5 10.76 7.39 3.24
CA TYR B 5 10.85 5.95 3.15
C TYR B 5 9.49 5.27 3.01
N ARG B 6 8.58 5.51 3.96
CA ARG B 6 7.29 4.82 4.01
C ARG B 6 6.44 5.06 2.76
N GLN B 7 6.52 6.27 2.21
CA GLN B 7 5.74 6.62 1.03
C GLN B 7 6.31 5.97 -0.24
N LEU B 8 7.64 5.92 -0.32
CA LEU B 8 8.32 5.12 -1.32
C LEU B 8 7.95 3.63 -1.18
N LYS B 9 7.91 3.13 0.06
CA LYS B 9 7.57 1.73 0.26
C LYS B 9 6.12 1.43 -0.19
N SER B 10 5.19 2.29 0.20
CA SER B 10 3.77 2.15 -0.20
C SER B 10 3.58 2.19 -1.73
N SER B 11 4.53 2.84 -2.42
CA SER B 11 4.46 3.01 -3.88
C SER B 11 5.25 1.94 -4.64
N HIS B 12 5.77 0.95 -3.92
CA HIS B 12 6.70 -0.02 -4.50
C HIS B 12 6.08 -1.41 -4.62
N TYR B 13 6.14 -1.97 -5.83
CA TYR B 13 5.68 -3.35 -6.07
C TYR B 13 6.79 -4.37 -5.81
N SER B 14 6.63 -5.15 -4.76
CA SER B 14 7.58 -6.19 -4.40
C SER B 14 7.48 -7.39 -5.34
N SER B 15 8.61 -8.06 -5.60
CA SER B 15 8.61 -9.34 -6.32
C SER B 15 8.64 -10.52 -5.34
N ASP B 16 8.52 -10.22 -4.05
CA ASP B 16 8.47 -11.22 -3.00
C ASP B 16 7.02 -11.68 -2.84
N TYR B 17 6.80 -12.98 -3.09
CA TYR B 17 5.53 -13.66 -2.91
C TYR B 17 4.83 -13.29 -1.60
N SER B 18 5.61 -13.33 -0.52
CA SER B 18 5.19 -13.08 0.85
C SER B 18 4.83 -11.65 1.18
N SER B 19 5.33 -10.70 0.42
CA SER B 19 5.14 -9.28 0.72
C SER B 19 3.69 -8.83 0.53
N PRO B 20 3.18 -7.98 1.45
CA PRO B 20 1.91 -7.29 1.23
C PRO B 20 1.95 -6.50 -0.08
N GLY B 21 3.15 -6.10 -0.50
CA GLY B 21 3.32 -5.28 -1.69
C GLY B 21 3.52 -6.04 -2.98
N TYR B 22 3.30 -7.36 -2.95
CA TYR B 22 3.60 -8.23 -4.11
C TYR B 22 2.80 -7.89 -5.37
N LEU B 23 3.52 -7.79 -6.49
CA LEU B 23 2.88 -7.75 -7.80
C LEU B 23 3.76 -8.47 -8.81
N ALA B 24 3.15 -9.36 -9.60
CA ALA B 24 3.88 -10.16 -10.59
C ALA B 24 4.35 -9.26 -11.71
N ALA B 25 5.44 -9.63 -12.37
CA ALA B 25 6.02 -8.79 -13.43
C ALA B 25 5.06 -8.46 -14.58
N GLU B 26 4.19 -9.41 -14.94
CA GLU B 26 3.23 -9.20 -16.02
C GLU B 26 2.33 -7.98 -15.77
N ALA B 27 1.77 -7.89 -14.56
CA ALA B 27 0.86 -6.81 -14.19
C ALA B 27 1.60 -5.48 -14.01
N VAL B 28 2.84 -5.54 -13.50
CA VAL B 28 3.70 -4.37 -13.44
C VAL B 28 3.79 -3.70 -14.81
N TYR B 29 4.18 -4.46 -15.84
CA TYR B 29 4.29 -3.88 -17.19
C TYR B 29 2.96 -3.53 -17.80
N ALA B 30 1.92 -4.32 -17.56
CA ALA B 30 0.60 -3.96 -18.10
C ALA B 30 0.17 -2.58 -17.59
N GLU B 31 0.44 -2.29 -16.32
CA GLU B 31 0.12 -0.98 -15.73
C GLU B 31 0.68 0.18 -16.56
N ILE B 32 1.88 0.00 -17.09
CA ILE B 32 2.47 1.06 -17.93
C ILE B 32 2.25 0.83 -19.44
N GLY B 33 1.41 -0.13 -19.78
CA GLY B 33 1.00 -0.32 -21.17
C GLY B 33 1.89 -1.18 -22.06
N TYR B 34 2.57 -2.17 -21.46
CA TYR B 34 3.43 -3.08 -22.22
C TYR B 34 3.11 -4.54 -21.90
N GLU B 35 3.31 -5.41 -22.88
CA GLU B 35 3.28 -6.86 -22.69
C GLU B 35 4.69 -7.34 -22.35
N LEU B 36 4.86 -7.99 -21.21
CA LEU B 36 6.18 -8.51 -20.84
C LEU B 36 6.75 -9.49 -21.86
N ASP B 37 5.94 -10.44 -22.33
CA ASP B 37 6.43 -11.41 -23.32
C ASP B 37 7.04 -10.72 -24.53
N THR B 38 6.45 -9.61 -24.95
CA THR B 38 6.93 -8.85 -26.08
C THR B 38 8.28 -8.22 -25.79
N LEU B 39 8.40 -7.62 -24.60
CA LEU B 39 9.66 -7.00 -24.19
C LEU B 39 10.78 -8.02 -24.08
N LEU B 40 10.48 -9.20 -23.53
CA LEU B 40 11.49 -10.24 -23.31
C LEU B 40 12.11 -10.65 -24.63
N LYS B 41 11.27 -10.80 -25.64
CA LYS B 41 11.70 -11.09 -27.00
C LYS B 41 12.70 -10.06 -27.55
N GLN B 42 12.44 -8.78 -27.30
CA GLN B 42 13.37 -7.70 -27.68
C GLN B 42 14.69 -7.74 -26.89
N ASN B 43 14.57 -7.93 -25.59
CA ASN B 43 15.72 -7.96 -24.70
C ASN B 43 15.42 -8.76 -23.44
N PRO B 44 16.09 -9.93 -23.26
CA PRO B 44 15.79 -10.80 -22.11
C PRO B 44 16.12 -10.15 -20.78
N GLY B 45 16.93 -9.09 -20.83
CA GLY B 45 17.27 -8.30 -19.64
C GLY B 45 16.07 -7.75 -18.89
N TYR B 46 14.95 -7.55 -19.59
CA TYR B 46 13.69 -7.10 -18.97
C TYR B 46 13.17 -8.07 -17.92
N ALA B 47 13.66 -9.30 -17.89
CA ALA B 47 13.20 -10.25 -16.89
C ALA B 47 13.66 -9.79 -15.50
N ASN B 48 14.68 -8.94 -15.47
CA ASN B 48 15.11 -8.33 -14.22
C ASN B 48 14.28 -7.07 -13.98
N THR B 49 13.35 -7.14 -13.04
CA THR B 49 12.32 -6.10 -12.92
C THR B 49 12.56 -5.11 -11.78
N ALA B 50 13.70 -5.22 -11.11
CA ALA B 50 13.92 -4.39 -9.93
C ALA B 50 13.91 -2.90 -10.27
N ALA B 51 14.60 -2.50 -11.34
CA ALA B 51 14.67 -1.08 -11.72
C ALA B 51 13.35 -0.50 -12.25
N VAL B 52 12.55 -1.31 -12.92
CA VAL B 52 11.21 -0.89 -13.33
C VAL B 52 10.31 -0.62 -12.11
N ARG B 53 10.31 -1.56 -11.16
CA ARG B 53 9.53 -1.41 -9.91
C ARG B 53 9.94 -0.14 -9.15
N MET B 54 11.24 0.09 -9.07
CA MET B 54 11.78 1.25 -8.36
C MET B 54 11.50 2.54 -9.12
N SER B 55 11.65 2.53 -10.44
CA SER B 55 11.24 3.65 -11.28
C SER B 55 9.78 4.05 -10.98
N LEU B 56 8.89 3.06 -10.90
CA LEU B 56 7.48 3.37 -10.67
C LEU B 56 7.27 4.00 -9.31
N ALA B 57 7.94 3.45 -8.30
CA ALA B 57 7.91 3.95 -6.92
C ALA B 57 8.34 5.43 -6.85
N LEU B 58 9.45 5.74 -7.52
CA LEU B 58 10.00 7.08 -7.62
C LEU B 58 9.05 8.03 -8.33
N LEU B 59 8.47 7.57 -9.42
CA LEU B 59 7.47 8.38 -10.12
C LEU B 59 6.30 8.75 -9.21
N LYS B 60 5.81 7.77 -8.44
CA LYS B 60 4.65 7.99 -7.57
C LYS B 60 4.97 8.81 -6.32
N THR B 61 6.24 9.09 -6.07
CA THR B 61 6.63 9.95 -4.95
C THR B 61 7.24 11.22 -5.51
N GLY B 62 6.96 11.48 -6.78
CA GLY B 62 7.37 12.70 -7.48
C GLY B 62 8.86 12.91 -7.71
N ILE B 63 9.64 11.83 -7.80
CA ILE B 63 11.08 11.93 -8.07
C ILE B 63 11.33 11.79 -9.56
N SER B 64 12.17 12.69 -10.10
N SER B 64 12.17 12.69 -10.10
CA SER B 64 12.47 12.75 -11.54
CA SER B 64 12.50 12.76 -11.52
C SER B 64 13.79 12.04 -11.86
C SER B 64 13.80 12.02 -11.84
N PHE B 65 13.85 11.35 -12.99
CA PHE B 65 15.06 10.62 -13.41
C PHE B 65 15.01 10.35 -14.93
N LYS B 66 16.16 10.15 -15.54
CA LYS B 66 16.19 9.81 -16.96
C LYS B 66 15.93 8.31 -17.13
N GLY B 67 15.09 7.96 -18.10
CA GLY B 67 14.82 6.56 -18.47
C GLY B 67 14.73 6.37 -19.99
N ARG B 68 14.60 5.12 -20.41
N ARG B 68 14.65 5.13 -20.44
CA ARG B 68 14.61 4.77 -21.82
CA ARG B 68 14.51 4.91 -21.87
C ARG B 68 13.35 4.03 -22.25
C ARG B 68 13.10 4.49 -22.22
N LEU B 69 12.44 3.78 -21.31
CA LEU B 69 11.18 3.16 -21.68
C LEU B 69 9.96 4.08 -21.48
N PRO B 70 9.38 4.59 -22.59
CA PRO B 70 8.26 5.51 -22.33
C PRO B 70 7.01 4.81 -21.81
N ILE B 71 6.41 5.34 -20.75
CA ILE B 71 5.14 4.83 -20.20
C ILE B 71 3.99 5.18 -21.13
N LYS B 72 3.16 4.18 -21.44
CA LYS B 72 2.13 4.33 -22.46
C LYS B 72 0.72 4.45 -21.88
N LYS B 73 0.61 4.36 -20.56
CA LYS B 73 -0.69 4.17 -19.92
C LYS B 73 -0.69 4.69 -18.49
N GLY B 74 -1.84 5.23 -18.05
CA GLY B 74 -2.01 5.66 -16.66
C GLY B 74 -1.51 7.05 -16.32
N ALA B 75 -1.45 7.36 -15.03
CA ALA B 75 -1.14 8.72 -14.59
C ALA B 75 0.22 9.25 -15.06
N TYR B 76 1.15 8.36 -15.42
CA TYR B 76 2.51 8.79 -15.78
C TYR B 76 2.84 8.62 -17.26
N LYS B 77 1.80 8.44 -18.09
CA LYS B 77 1.96 8.42 -19.53
C LYS B 77 2.83 9.60 -19.99
N GLY B 78 3.76 9.34 -20.90
CA GLY B 78 4.70 10.37 -21.35
C GLY B 78 5.99 10.43 -20.55
N LYS B 79 5.98 9.98 -19.30
CA LYS B 79 7.23 9.90 -18.55
C LYS B 79 7.94 8.58 -18.90
N THR B 80 9.18 8.39 -18.45
CA THR B 80 9.93 7.19 -18.79
C THR B 80 10.26 6.35 -17.55
N ILE B 81 10.51 5.07 -17.77
CA ILE B 81 10.98 4.10 -16.78
C ILE B 81 12.44 3.78 -17.09
N GLU B 82 13.26 3.52 -16.08
CA GLU B 82 14.60 2.97 -16.33
C GLU B 82 14.69 1.48 -15.95
N PRO B 83 14.76 0.58 -16.94
CA PRO B 83 14.78 -0.88 -16.70
C PRO B 83 16.10 -1.40 -16.12
N GLY B 84 17.17 -0.63 -16.21
CA GLY B 84 18.49 -1.09 -15.80
C GLY B 84 18.82 -0.59 -14.42
N ALA B 85 19.17 -1.50 -13.51
CA ALA B 85 19.43 -1.15 -12.12
C ALA B 85 20.66 -0.25 -11.94
N LYS B 86 21.76 -0.58 -12.63
CA LYS B 86 22.97 0.26 -12.65
C LYS B 86 22.66 1.64 -13.22
N LEU B 87 21.97 1.67 -14.36
CA LEU B 87 21.57 2.97 -14.91
C LEU B 87 20.68 3.76 -13.94
N LEU B 88 19.75 3.10 -13.24
CA LEU B 88 18.90 3.85 -12.31
C LEU B 88 19.73 4.33 -11.13
N ALA B 89 20.62 3.48 -10.65
CA ALA B 89 21.53 3.87 -9.57
C ALA B 89 22.36 5.09 -9.93
N ASP B 90 22.81 5.16 -11.19
CA ASP B 90 23.52 6.35 -11.71
C ASP B 90 22.67 7.61 -11.65
N GLN B 91 21.40 7.51 -12.04
CA GLN B 91 20.49 8.66 -12.01
C GLN B 91 20.31 9.21 -10.59
N LEU B 92 20.22 8.30 -9.62
CA LEU B 92 20.10 8.65 -8.19
C LEU B 92 21.38 9.24 -7.62
N HIS B 93 22.50 8.68 -8.06
CA HIS B 93 23.84 9.11 -7.64
C HIS B 93 24.13 10.51 -8.07
N ARG B 94 23.49 10.97 -9.14
CA ARG B 94 23.80 12.26 -9.75
C ARG B 94 22.80 13.32 -9.38
N SER B 95 21.71 12.93 -8.75
CA SER B 95 20.60 13.84 -8.59
C SER B 95 20.84 14.72 -7.38
N SER B 96 20.26 15.92 -7.43
CA SER B 96 20.23 16.82 -6.28
C SER B 96 19.21 16.28 -5.28
N SER B 97 18.38 15.35 -5.76
CA SER B 97 17.31 14.74 -4.96
C SER B 97 17.75 13.59 -4.07
N PHE B 98 18.84 12.91 -4.45
CA PHE B 98 19.41 11.84 -3.63
C PHE B 98 20.87 12.10 -3.26
N GLY B 99 21.66 12.61 -4.21
CA GLY B 99 23.09 12.87 -3.97
C GLY B 99 23.92 11.61 -3.95
N LYS B 100 25.10 11.69 -3.34
CA LYS B 100 26.03 10.56 -3.32
CA LYS B 100 26.03 10.56 -3.32
C LYS B 100 25.57 9.44 -2.40
N ALA B 101 25.69 8.19 -2.88
CA ALA B 101 25.43 7.03 -2.07
C ALA B 101 26.65 6.80 -1.19
N LYS B 102 26.46 6.12 -0.05
CA LYS B 102 27.57 5.47 0.66
C LYS B 102 27.79 4.17 -0.10
N ILE B 103 29.05 3.87 -0.43
CA ILE B 103 29.39 2.71 -1.25
C ILE B 103 30.33 1.77 -0.52
N PHE B 104 29.93 0.49 -0.44
CA PHE B 104 30.71 -0.53 0.21
C PHE B 104 31.17 -1.58 -0.79
N PHE B 105 32.29 -2.23 -0.48
CA PHE B 105 32.95 -3.16 -1.40
C PHE B 105 33.04 -4.57 -0.86
N ASN B 106 32.36 -4.80 0.26
CA ASN B 106 32.27 -6.13 0.89
C ASN B 106 31.06 -6.23 1.80
N ALA B 107 30.53 -7.44 1.97
CA ALA B 107 29.24 -7.63 2.64
C ALA B 107 29.19 -7.21 4.14
N PRO B 108 30.21 -7.56 4.96
CA PRO B 108 30.20 -7.17 6.37
C PRO B 108 30.19 -5.66 6.61
N ASP B 109 30.97 -4.91 5.83
CA ASP B 109 30.99 -3.44 5.93
C ASP B 109 29.69 -2.78 5.45
N ALA B 110 29.16 -3.25 4.32
CA ALA B 110 27.85 -2.80 3.85
C ALA B 110 26.80 -3.02 4.92
N GLU B 111 26.75 -4.24 5.45
CA GLU B 111 25.79 -4.56 6.51
C GLU B 111 25.94 -3.66 7.72
N LYS B 112 27.18 -3.38 8.11
CA LYS B 112 27.46 -2.50 9.24
C LYS B 112 27.23 -1.02 8.93
N GLY B 113 27.60 -0.58 7.74
CA GLY B 113 27.35 0.80 7.33
C GLY B 113 25.88 1.21 7.24
N ILE B 114 25.02 0.24 6.91
CA ILE B 114 23.57 0.48 6.80
C ILE B 114 23.01 0.39 8.22
N GLY B 115 23.52 -0.56 8.99
CA GLY B 115 23.25 -0.66 10.40
C GLY B 115 21.77 -0.77 10.66
N ASN B 116 21.20 0.24 11.33
N ASN B 116 21.22 0.29 11.26
CA ASN B 116 19.76 0.27 11.60
CA ASN B 116 19.83 0.36 11.68
C ASN B 116 19.05 1.39 10.86
C ASN B 116 19.02 1.33 10.82
N LYS B 117 19.66 1.84 9.76
CA LYS B 117 19.05 2.83 8.89
C LYS B 117 18.15 2.17 7.85
N LYS B 118 17.46 2.99 7.07
CA LYS B 118 16.62 2.51 6.00
C LYS B 118 16.74 3.45 4.81
N GLY B 119 16.43 2.95 3.62
CA GLY B 119 16.56 3.73 2.39
C GLY B 119 16.58 2.86 1.15
N VAL B 120 17.26 3.35 0.11
CA VAL B 120 17.38 2.64 -1.15
C VAL B 120 18.74 1.94 -1.22
N VAL B 121 18.73 0.68 -1.64
CA VAL B 121 19.96 -0.07 -1.74
C VAL B 121 20.09 -0.58 -3.18
N PHE B 122 21.33 -0.53 -3.68
CA PHE B 122 21.69 -1.10 -4.97
C PHE B 122 22.79 -2.14 -4.78
N PHE B 123 22.50 -3.38 -5.20
CA PHE B 123 23.49 -4.46 -5.19
C PHE B 123 24.04 -4.58 -6.62
N ASN B 124 25.30 -4.19 -6.79
CA ASN B 124 26.01 -4.22 -8.09
C ASN B 124 26.89 -5.46 -8.25
N LYS B 125 26.81 -6.13 -9.40
CA LYS B 125 27.56 -7.39 -9.72
C LYS B 125 27.32 -8.50 -8.70
N ILE B 126 26.13 -9.08 -8.73
CA ILE B 126 25.78 -10.11 -7.76
C ILE B 126 26.24 -11.47 -8.24
N THR B 127 26.84 -12.25 -7.35
CA THR B 127 27.30 -13.58 -7.73
C THR B 127 26.13 -14.40 -8.22
N ASN B 128 26.26 -14.97 -9.43
CA ASN B 128 25.27 -15.92 -9.90
C ASN B 128 23.89 -15.24 -10.14
N TYR B 129 23.89 -13.93 -10.36
CA TYR B 129 22.66 -13.17 -10.60
C TYR B 129 22.96 -12.04 -11.60
N ASP B 130 22.22 -12.01 -12.71
CA ASP B 130 22.50 -11.06 -13.78
C ASP B 130 21.70 -9.77 -13.67
N GLY B 131 22.39 -8.64 -13.84
CA GLY B 131 21.74 -7.33 -13.98
C GLY B 131 21.57 -6.50 -12.71
N GLY B 132 22.12 -6.97 -11.59
CA GLY B 132 22.05 -6.22 -10.34
C GLY B 132 20.66 -6.21 -9.72
N HIS B 133 20.51 -5.50 -8.62
CA HIS B 133 19.22 -5.41 -7.95
C HIS B 133 19.19 -4.12 -7.19
N ILE B 134 18.12 -3.36 -7.35
CA ILE B 134 17.92 -2.12 -6.61
C ILE B 134 16.61 -2.27 -5.85
N ASP B 135 16.58 -1.84 -4.58
CA ASP B 135 15.49 -2.20 -3.67
C ASP B 135 15.32 -1.22 -2.51
N LEU B 136 14.35 -1.48 -1.66
CA LEU B 136 14.17 -0.78 -0.38
C LEU B 136 14.65 -1.71 0.72
N ILE B 137 15.33 -1.14 1.70
CA ILE B 137 15.90 -1.93 2.79
C ILE B 137 15.62 -1.22 4.12
N GLU B 138 15.34 -2.00 5.15
CA GLU B 138 15.07 -1.45 6.48
C GLU B 138 15.28 -2.54 7.52
N PRO B 139 15.48 -2.16 8.80
CA PRO B 139 15.58 -3.17 9.84
C PRO B 139 14.21 -3.67 10.28
N GLU B 140 14.16 -4.95 10.63
CA GLU B 140 12.96 -5.61 11.09
C GLU B 140 13.48 -6.58 12.12
N ASN B 141 12.97 -6.49 13.35
CA ASN B 141 13.53 -7.27 14.47
C ASN B 141 15.06 -7.24 14.47
N SER B 142 15.63 -6.06 14.23
CA SER B 142 17.08 -5.85 14.24
C SER B 142 17.87 -6.58 13.14
N LEU B 143 17.18 -7.03 12.09
CA LEU B 143 17.85 -7.62 10.93
C LEU B 143 17.41 -6.84 9.70
N LEU B 144 18.32 -6.67 8.75
CA LEU B 144 17.97 -5.92 7.57
C LEU B 144 17.10 -6.77 6.67
N THR B 145 16.04 -6.17 6.14
CA THR B 145 15.16 -6.84 5.20
C THR B 145 14.90 -5.94 4.00
N CYS B 146 14.92 -6.52 2.80
CA CYS B 146 14.66 -5.79 1.56
C CYS B 146 13.23 -6.01 1.10
N HIS B 147 12.65 -5.01 0.48
CA HIS B 147 11.24 -5.13 0.11
C HIS B 147 10.99 -6.30 -0.82
N SER B 148 11.92 -6.57 -1.73
CA SER B 148 11.82 -7.75 -2.59
C SER B 148 12.84 -8.81 -2.17
N HIS B 149 14.12 -8.43 -2.20
CA HIS B 149 15.19 -9.38 -1.94
C HIS B 149 16.48 -8.63 -1.75
N CYS B 150 17.28 -9.06 -0.77
CA CYS B 150 18.66 -8.55 -0.61
C CYS B 150 19.68 -9.44 -1.31
N TYR B 151 20.77 -8.82 -1.77
CA TYR B 151 21.83 -9.55 -2.46
C TYR B 151 23.25 -9.09 -2.05
N PHE B 152 23.56 -9.27 -0.76
CA PHE B 152 24.84 -8.79 -0.20
C PHE B 152 26.06 -9.55 -0.75
N ASN B 153 25.83 -10.72 -1.34
CA ASN B 153 26.88 -11.42 -2.05
C ASN B 153 27.12 -10.82 -3.43
N CYS B 154 27.62 -9.60 -3.45
CA CYS B 154 27.85 -8.85 -4.67
C CYS B 154 29.14 -8.04 -4.53
N LYS B 155 29.56 -7.38 -5.61
CA LYS B 155 30.80 -6.61 -5.56
C LYS B 155 30.70 -5.26 -4.86
N GLU B 156 29.61 -4.53 -5.08
CA GLU B 156 29.41 -3.22 -4.46
C GLU B 156 28.01 -3.05 -3.94
N VAL B 157 27.88 -2.47 -2.75
CA VAL B 157 26.58 -2.08 -2.23
C VAL B 157 26.50 -0.57 -2.11
N TRP B 158 25.54 0.04 -2.83
CA TRP B 158 25.27 1.48 -2.72
C TRP B 158 24.04 1.72 -1.89
N PHE B 159 24.15 2.64 -0.93
CA PHE B 159 23.05 2.93 0.00
C PHE B 159 22.76 4.42 0.10
N TRP B 160 21.48 4.76 0.01
CA TRP B 160 20.96 6.12 0.19
C TRP B 160 19.97 6.10 1.31
N GLU B 161 20.33 6.68 2.45
CA GLU B 161 19.44 6.69 3.59
C GLU B 161 18.24 7.58 3.31
N LEU B 162 17.07 7.19 3.78
CA LEU B 162 15.86 8.02 3.70
C LEU B 162 15.20 8.10 5.06
N SER B 163 14.50 9.20 5.30
CA SER B 163 13.64 9.30 6.48
C SER B 163 12.32 8.62 6.18
C1 GOL C . -25.03 0.44 4.74
O1 GOL C . -26.04 -0.56 4.55
C2 GOL C . -24.61 0.56 6.20
O2 GOL C . -25.13 -0.55 6.97
C3 GOL C . -25.11 1.86 6.83
O3 GOL C . -25.04 1.67 8.25
#